data_8QUB
#
_entry.id   8QUB
#
_cell.length_a   90.840
_cell.length_b   90.840
_cell.length_c   56.830
_cell.angle_alpha   90.00
_cell.angle_beta   90.00
_cell.angle_gamma   120.00
#
_symmetry.space_group_name_H-M   'P 6'
#
loop_
_entity.id
_entity.type
_entity.pdbx_description
1 polymer 'Spacer peptide 1'
2 non-polymer (1~{S})-1-phenyl-2,4-dihydro-1~{H}-isoquinolin-3-one
3 water water
#
_entity_poly.entity_id   1
_entity_poly.type   'polypeptide(L)'
_entity_poly.pdbx_seq_one_letter_code
;PIVQNLQGQMVHQCISPRTLNAWVKVVEEKAFSPEVIPMFSALSCGATPQDLNTMLNTVGGHQAAMQMLKETINEEAAEW
DRLHPVHAGPIAPGQMREPRGSDIAGTTSTLQEQIGWMTHNPPIPVGEIYKRWIILGLNKIVRMYSPTSILDIRQGPKEP
FRDYVDRFYKTLRAEQASQEVKNAATETLLVQNANPDCKTILKALGPGATLEEMMTACQGVGGPGHKARVL
;
_entity_poly.pdbx_strand_id   A
#
# COMPACT_ATOMS: atom_id res chain seq x y z
N PRO A 1 7.62 -0.79 17.76
CA PRO A 1 6.21 -1.30 17.63
C PRO A 1 5.64 -1.60 18.99
N ILE A 2 4.33 -1.84 19.05
CA ILE A 2 3.67 -2.31 20.29
C ILE A 2 3.38 -3.79 20.08
N VAL A 3 3.91 -4.60 20.99
CA VAL A 3 3.84 -6.09 20.89
C VAL A 3 3.33 -6.61 22.24
N GLN A 4 2.74 -7.79 22.24
CA GLN A 4 2.49 -8.44 23.50
C GLN A 4 3.78 -9.15 23.79
N ASN A 5 4.09 -9.18 25.00
CA ASN A 5 5.32 -9.78 25.39
C ASN A 5 5.09 -11.35 25.49
N LEU A 6 5.90 -12.03 26.27
CA LEU A 6 5.63 -13.43 26.64
C LEU A 6 4.48 -13.64 27.67
N GLN A 7 4.11 -12.60 28.43
CA GLN A 7 3.10 -12.63 29.52
C GLN A 7 1.81 -11.77 29.22
N GLY A 8 1.52 -11.52 27.94
CA GLY A 8 0.26 -10.85 27.54
C GLY A 8 -0.09 -9.39 27.92
N GLN A 9 0.89 -8.52 28.20
CA GLN A 9 0.65 -7.08 28.21
C GLN A 9 1.28 -6.47 26.90
N MET A 10 0.60 -5.47 26.35
CA MET A 10 1.06 -4.67 25.22
C MET A 10 2.05 -3.64 25.67
N VAL A 11 3.27 -3.81 25.16
CA VAL A 11 4.34 -2.89 25.48
C VAL A 11 5.12 -2.43 24.22
N HIS A 12 5.86 -1.34 24.38
CA HIS A 12 6.68 -0.84 23.30
C HIS A 12 7.95 -1.63 23.21
N GLN A 13 8.39 -1.85 21.97
CA GLN A 13 9.66 -2.52 21.66
C GLN A 13 10.32 -1.70 20.61
N CYS A 14 11.66 -1.53 20.65
CA CYS A 14 12.33 -0.77 19.61
C CYS A 14 12.16 -1.47 18.24
N ILE A 15 12.06 -0.68 17.16
CA ILE A 15 12.22 -1.18 15.83
C ILE A 15 13.57 -1.84 15.62
N SER A 16 13.56 -3.01 14.96
CA SER A 16 14.76 -3.84 14.87
C SER A 16 15.61 -3.39 13.72
N PRO A 17 16.93 -3.65 13.82
CA PRO A 17 17.79 -3.42 12.71
C PRO A 17 17.40 -4.22 11.47
N ARG A 18 16.88 -5.38 11.69
CA ARG A 18 16.48 -6.22 10.56
C ARG A 18 15.29 -5.56 9.82
N THR A 19 14.33 -5.08 10.59
CA THR A 19 13.19 -4.37 9.97
C THR A 19 13.64 -3.11 9.20
N LEU A 20 14.49 -2.31 9.83
CA LEU A 20 14.95 -1.05 9.22
C LEU A 20 15.65 -1.33 7.92
N ASN A 21 16.51 -2.35 7.90
CA ASN A 21 17.29 -2.61 6.75
C ASN A 21 16.38 -3.23 5.65
N ALA A 22 15.46 -4.11 6.03
CA ALA A 22 14.52 -4.73 5.06
C ALA A 22 13.80 -3.66 4.26
N TRP A 23 13.31 -2.66 4.93
CA TRP A 23 12.53 -1.63 4.29
C TRP A 23 13.40 -0.78 3.37
N VAL A 24 14.56 -0.33 3.85
CA VAL A 24 15.46 0.47 3.01
C VAL A 24 15.85 -0.29 1.77
N LYS A 25 16.06 -1.58 1.89
CA LYS A 25 16.52 -2.41 0.75
C LYS A 25 15.42 -2.67 -0.20
N VAL A 26 14.20 -2.88 0.28
CA VAL A 26 13.13 -3.11 -0.69
C VAL A 26 12.82 -1.88 -1.52
N VAL A 27 12.95 -0.67 -0.94
CA VAL A 27 12.81 0.54 -1.68
C VAL A 27 13.94 0.71 -2.62
N GLU A 28 15.15 0.37 -2.22
CA GLU A 28 16.30 0.49 -3.14
C GLU A 28 16.16 -0.46 -4.37
N GLU A 29 15.68 -1.66 -4.13
CA GLU A 29 15.63 -2.65 -5.19
C GLU A 29 14.37 -2.55 -6.05
N LYS A 30 13.25 -2.14 -5.51
CA LYS A 30 11.96 -2.24 -6.19
C LYS A 30 11.33 -0.91 -6.44
N ALA A 31 11.89 0.14 -5.84
CA ALA A 31 11.23 1.47 -6.00
C ALA A 31 9.75 1.40 -5.62
N PHE A 32 8.84 1.83 -6.54
CA PHE A 32 7.41 1.85 -6.23
C PHE A 32 6.63 0.89 -7.11
N SER A 33 7.28 -0.29 -7.34
CA SER A 33 6.56 -1.38 -7.85
C SER A 33 5.43 -1.74 -6.87
N PRO A 34 4.22 -2.16 -7.37
CA PRO A 34 3.11 -2.35 -6.43
C PRO A 34 3.35 -3.28 -5.24
N GLU A 35 4.14 -4.29 -5.42
CA GLU A 35 4.36 -5.25 -4.32
C GLU A 35 5.18 -4.62 -3.17
N VAL A 36 5.68 -3.42 -3.31
CA VAL A 36 6.38 -2.74 -2.17
C VAL A 36 5.37 -2.36 -1.12
N ILE A 37 4.14 -2.11 -1.48
CA ILE A 37 3.13 -1.68 -0.52
C ILE A 37 2.78 -2.73 0.49
N PRO A 38 2.38 -3.94 0.06
CA PRO A 38 2.19 -4.99 1.10
C PRO A 38 3.43 -5.33 1.91
N MET A 39 4.61 -5.10 1.35
CA MET A 39 5.84 -5.25 2.11
C MET A 39 5.92 -4.19 3.20
N PHE A 40 5.59 -2.95 2.84
CA PHE A 40 5.58 -1.90 3.86
C PHE A 40 4.63 -2.23 4.98
N SER A 41 3.38 -2.67 4.60
CA SER A 41 2.41 -2.92 5.60
C SER A 41 2.87 -4.00 6.57
N ALA A 42 3.46 -5.03 6.01
CA ALA A 42 3.95 -6.17 6.81
C ALA A 42 5.14 -5.80 7.72
N LEU A 43 6.08 -5.05 7.17
CA LEU A 43 7.24 -4.64 7.96
C LEU A 43 6.86 -3.64 9.06
N SER A 44 5.75 -2.92 8.85
CA SER A 44 5.19 -1.99 9.86
C SER A 44 4.13 -2.56 10.80
N CYS A 45 3.98 -3.91 10.88
CA CYS A 45 3.12 -4.56 11.80
C CYS A 45 3.34 -4.05 13.25
N GLY A 46 2.28 -3.52 13.83
CA GLY A 46 2.38 -3.00 15.19
C GLY A 46 3.01 -1.64 15.40
N ALA A 47 3.37 -0.97 14.31
CA ALA A 47 4.10 0.28 14.39
C ALA A 47 3.32 1.39 15.07
N THR A 48 4.06 2.15 15.88
CA THR A 48 3.65 3.45 16.28
C THR A 48 3.80 4.47 15.15
N PRO A 49 3.14 5.65 15.27
CA PRO A 49 3.44 6.72 14.34
C PRO A 49 4.89 7.08 14.27
N GLN A 50 5.61 7.06 15.42
CA GLN A 50 7.05 7.30 15.39
C GLN A 50 7.72 6.28 14.49
N ASP A 51 7.35 5.02 14.62
CA ASP A 51 8.00 4.02 13.80
C ASP A 51 7.71 4.18 12.30
N LEU A 52 6.46 4.57 11.96
CA LEU A 52 6.16 4.75 10.61
C LEU A 52 6.98 5.88 10.03
N ASN A 53 7.10 7.02 10.78
CA ASN A 53 7.97 8.13 10.33
C ASN A 53 9.40 7.68 10.18
N THR A 54 9.87 6.87 11.07
CA THR A 54 11.28 6.32 10.93
C THR A 54 11.42 5.65 9.64
N MET A 55 10.47 4.76 9.31
CA MET A 55 10.59 4.03 8.08
C MET A 55 10.60 4.94 6.85
N LEU A 56 9.69 5.93 6.84
CA LEU A 56 9.60 6.82 5.70
C LEU A 56 10.86 7.71 5.61
N ASN A 57 11.35 8.18 6.76
CA ASN A 57 12.50 9.08 6.82
C ASN A 57 13.82 8.40 6.48
N THR A 58 13.89 7.08 6.62
CA THR A 58 15.11 6.34 6.32
C THR A 58 15.33 6.17 4.83
N VAL A 59 14.29 6.45 4.02
CA VAL A 59 14.40 6.43 2.59
C VAL A 59 15.24 7.59 2.11
N GLY A 60 16.27 7.29 1.38
CA GLY A 60 17.15 8.33 0.88
C GLY A 60 16.79 8.86 -0.54
N GLY A 61 16.36 8.02 -1.42
CA GLY A 61 16.01 8.63 -2.77
C GLY A 61 14.56 9.06 -2.80
N HIS A 62 14.07 9.11 -4.00
CA HIS A 62 12.65 9.22 -4.25
C HIS A 62 11.98 10.37 -3.58
N GLN A 63 12.69 11.51 -3.44
CA GLN A 63 12.14 12.60 -2.65
C GLN A 63 10.94 13.31 -3.30
N ALA A 64 10.77 13.19 -4.62
CA ALA A 64 9.53 13.66 -5.23
C ALA A 64 8.32 12.87 -4.65
N ALA A 65 8.42 11.56 -4.68
CA ALA A 65 7.44 10.72 -4.09
C ALA A 65 7.23 11.05 -2.67
N MET A 66 8.33 11.20 -1.90
CA MET A 66 8.12 11.46 -0.43
C MET A 66 7.42 12.81 -0.18
N GLN A 67 7.67 13.80 -1.03
CA GLN A 67 6.96 15.07 -0.92
C GLN A 67 5.43 14.91 -1.30
N MET A 68 5.12 14.12 -2.30
CA MET A 68 3.73 13.80 -2.68
C MET A 68 3.08 13.10 -1.52
N LEU A 69 3.79 12.18 -0.84
CA LEU A 69 3.23 11.47 0.27
C LEU A 69 2.91 12.46 1.42
N LYS A 70 3.81 13.38 1.70
CA LYS A 70 3.55 14.39 2.71
C LYS A 70 2.29 15.17 2.44
N GLU A 71 2.09 15.47 1.16
CA GLU A 71 0.86 16.15 0.74
C GLU A 71 -0.43 15.34 1.01
N THR A 72 -0.40 14.03 0.72
CA THR A 72 -1.51 13.17 0.96
C THR A 72 -1.75 13.07 2.46
N ILE A 73 -0.72 12.87 3.25
CA ILE A 73 -0.86 12.80 4.72
C ILE A 73 -1.46 14.11 5.23
N ASN A 74 -0.97 15.26 4.77
CA ASN A 74 -1.57 16.54 5.22
C ASN A 74 -3.09 16.62 4.88
N GLU A 75 -3.53 16.09 3.73
CA GLU A 75 -4.91 16.11 3.34
C GLU A 75 -5.75 15.23 4.26
N GLU A 76 -5.21 14.05 4.66
CA GLU A 76 -5.93 13.15 5.51
C GLU A 76 -5.97 13.68 6.89
N ALA A 77 -4.91 14.37 7.31
CA ALA A 77 -4.84 14.93 8.64
C ALA A 77 -5.93 16.01 8.74
N ALA A 78 -6.06 16.74 7.64
CA ALA A 78 -6.98 17.90 7.64
C ALA A 78 -8.40 17.41 7.69
N GLU A 79 -8.70 16.28 7.03
CA GLU A 79 -10.00 15.63 7.08
C GLU A 79 -10.33 14.97 8.42
N TRP A 80 -9.34 14.28 9.00
CA TRP A 80 -9.48 13.89 10.42
C TRP A 80 -9.91 15.11 11.33
N ASP A 81 -9.23 16.23 11.20
CA ASP A 81 -9.48 17.39 12.07
C ASP A 81 -10.89 17.95 11.88
N ARG A 82 -11.40 17.83 10.66
CA ARG A 82 -12.79 18.19 10.34
C ARG A 82 -13.80 17.30 11.01
N LEU A 83 -13.54 15.99 10.99
CA LEU A 83 -14.37 15.01 11.62
C LEU A 83 -14.25 14.93 13.11
N HIS A 84 -13.08 15.29 13.67
CA HIS A 84 -12.81 15.05 15.08
C HIS A 84 -12.05 16.19 15.65
N PRO A 85 -12.72 17.31 15.77
CA PRO A 85 -12.08 18.43 16.43
C PRO A 85 -11.80 18.14 17.92
N VAL A 86 -10.75 18.77 18.45
CA VAL A 86 -10.28 18.56 19.81
C VAL A 86 -10.54 19.80 20.67
N HIS A 87 -10.78 19.62 21.97
CA HIS A 87 -10.99 20.69 22.91
C HIS A 87 -9.70 21.49 23.01
N ALA A 88 -9.81 22.77 22.70
CA ALA A 88 -8.69 23.71 22.93
C ALA A 88 -8.63 23.93 24.43
N GLY A 89 -7.48 24.39 24.91
CA GLY A 89 -7.33 24.71 26.33
C GLY A 89 -6.81 23.52 27.12
N PRO A 90 -6.52 23.74 28.42
CA PRO A 90 -5.60 22.86 29.14
C PRO A 90 -6.17 21.44 29.39
N ILE A 91 -5.27 20.47 29.35
CA ILE A 91 -5.72 19.07 29.49
C ILE A 91 -5.97 18.85 30.98
N ALA A 92 -6.94 18.04 31.26
CA ALA A 92 -7.09 17.43 32.57
C ALA A 92 -5.82 16.78 33.15
N PRO A 93 -5.39 17.22 34.37
CA PRO A 93 -4.18 16.60 34.94
C PRO A 93 -4.21 15.09 35.00
N GLY A 94 -3.12 14.53 34.44
CA GLY A 94 -2.86 13.11 34.42
C GLY A 94 -3.67 12.37 33.39
N GLN A 95 -4.57 13.04 32.63
CA GLN A 95 -5.48 12.36 31.72
C GLN A 95 -4.95 12.41 30.24
N MET A 96 -5.52 11.55 29.45
CA MET A 96 -5.24 11.38 28.02
CA MET A 96 -5.16 11.45 28.05
C MET A 96 -5.93 12.49 27.21
N ARG A 97 -5.17 13.20 26.37
CA ARG A 97 -5.71 14.21 25.45
C ARG A 97 -6.13 13.54 24.13
N GLU A 98 -7.03 14.15 23.39
CA GLU A 98 -7.56 13.59 22.15
C GLU A 98 -6.58 13.93 21.00
N PRO A 99 -6.35 12.92 20.09
CA PRO A 99 -5.34 13.20 19.07
C PRO A 99 -5.91 14.02 17.90
N ARG A 100 -5.11 14.97 17.43
CA ARG A 100 -5.36 15.75 16.24
C ARG A 100 -4.67 15.01 15.09
N GLY A 101 -4.96 15.42 13.87
CA GLY A 101 -4.30 14.83 12.70
C GLY A 101 -2.80 14.76 12.80
N SER A 102 -2.17 15.86 13.22
CA SER A 102 -0.72 15.85 13.33
C SER A 102 -0.19 14.99 14.44
N ASP A 103 -1.04 14.71 15.44
CA ASP A 103 -0.71 13.75 16.48
C ASP A 103 -0.68 12.31 15.93
N ILE A 104 -1.66 11.98 15.11
CA ILE A 104 -1.76 10.70 14.44
C ILE A 104 -0.57 10.53 13.55
N ALA A 105 -0.18 11.60 12.87
CA ALA A 105 0.99 11.50 11.96
C ALA A 105 2.35 11.52 12.72
N GLY A 106 2.36 11.67 14.03
CA GLY A 106 3.55 11.60 14.82
C GLY A 106 4.37 12.86 14.85
N THR A 107 3.87 13.94 14.28
CA THR A 107 4.66 15.14 14.22
C THR A 107 4.47 16.07 15.39
N THR A 108 3.33 15.98 16.07
CA THR A 108 3.08 16.79 17.28
C THR A 108 2.75 15.99 18.51
N SER A 109 2.93 14.68 18.44
CA SER A 109 2.72 13.78 19.59
C SER A 109 4.03 13.07 20.00
N THR A 110 4.19 12.81 21.29
CA THR A 110 5.33 12.06 21.80
C THR A 110 5.09 10.57 21.67
N LEU A 111 6.17 9.81 21.75
CA LEU A 111 6.07 8.41 21.82
C LEU A 111 5.19 7.95 22.96
N GLN A 112 5.39 8.55 24.13
CA GLN A 112 4.53 8.27 25.25
C GLN A 112 3.05 8.49 25.02
N GLU A 113 2.71 9.56 24.41
CA GLU A 113 1.30 9.77 24.01
C GLU A 113 0.79 8.74 23.11
N GLN A 114 1.60 8.41 22.08
CA GLN A 114 1.24 7.36 21.16
C GLN A 114 0.97 6.03 21.83
N ILE A 115 1.89 5.64 22.71
CA ILE A 115 1.76 4.41 23.46
C ILE A 115 0.47 4.43 24.27
N GLY A 116 0.25 5.56 24.92
CA GLY A 116 -0.98 5.75 25.71
C GLY A 116 -2.24 5.53 24.91
N TRP A 117 -2.29 6.10 23.70
CA TRP A 117 -3.45 5.92 22.87
C TRP A 117 -3.62 4.48 22.41
N MET A 118 -2.54 3.91 21.91
CA MET A 118 -2.57 2.62 21.36
C MET A 118 -2.86 1.49 22.39
N THR A 119 -2.59 1.75 23.66
CA THR A 119 -2.77 0.73 24.74
C THR A 119 -3.89 1.08 25.69
N HIS A 120 -4.58 2.17 25.39
CA HIS A 120 -5.85 2.52 26.07
C HIS A 120 -6.82 1.38 25.95
N ASN A 121 -7.71 1.31 26.91
CA ASN A 121 -8.86 0.40 26.76
C ASN A 121 -10.19 1.15 26.55
N PRO A 122 -10.79 1.14 25.34
CA PRO A 122 -10.28 0.48 24.12
C PRO A 122 -9.20 1.30 23.35
N PRO A 123 -8.35 0.62 22.58
CA PRO A 123 -7.23 1.36 21.93
C PRO A 123 -7.75 2.43 20.96
N ILE A 124 -7.07 3.59 20.88
CA ILE A 124 -7.29 4.61 19.88
C ILE A 124 -6.13 4.32 18.93
N PRO A 125 -6.39 3.63 17.84
CA PRO A 125 -5.37 2.97 17.09
C PRO A 125 -4.60 3.90 16.14
N VAL A 126 -3.83 4.83 16.71
CA VAL A 126 -3.19 5.94 15.94
C VAL A 126 -2.23 5.36 14.91
N GLY A 127 -1.55 4.26 15.23
CA GLY A 127 -0.62 3.62 14.31
C GLY A 127 -1.38 3.13 13.07
N GLU A 128 -2.51 2.51 13.28
CA GLU A 128 -3.30 1.90 12.16
C GLU A 128 -3.97 3.01 11.33
N ILE A 129 -4.42 4.04 12.00
CA ILE A 129 -5.01 5.20 11.27
C ILE A 129 -3.96 5.87 10.39
N TYR A 130 -2.79 6.13 10.98
CA TYR A 130 -1.72 6.72 10.14
C TYR A 130 -1.26 5.83 9.02
N LYS A 131 -1.15 4.53 9.28
CA LYS A 131 -0.72 3.58 8.26
C LYS A 131 -1.68 3.56 7.08
N ARG A 132 -3.00 3.65 7.36
CA ARG A 132 -3.98 3.78 6.26
C ARG A 132 -3.73 5.03 5.40
N TRP A 133 -3.43 6.19 5.99
CA TRP A 133 -3.15 7.41 5.24
C TRP A 133 -1.90 7.21 4.37
N ILE A 134 -0.89 6.62 4.98
CA ILE A 134 0.37 6.39 4.26
C ILE A 134 0.18 5.51 3.07
N ILE A 135 -0.54 4.42 3.24
CA ILE A 135 -0.82 3.51 2.15
C ILE A 135 -1.68 4.15 1.04
N LEU A 136 -2.62 4.97 1.43
CA LEU A 136 -3.36 5.81 0.45
C LEU A 136 -2.40 6.62 -0.38
N GLY A 137 -1.40 7.24 0.28
CA GLY A 137 -0.44 7.97 -0.48
C GLY A 137 0.44 7.16 -1.35
N LEU A 138 0.91 6.01 -0.81
CA LEU A 138 1.80 5.15 -1.55
C LEU A 138 1.10 4.60 -2.82
N ASN A 139 -0.19 4.30 -2.68
CA ASN A 139 -0.95 3.79 -3.83
C ASN A 139 -1.02 4.83 -4.96
N LYS A 140 -1.07 6.08 -4.62
CA LYS A 140 -1.08 7.16 -5.63
C LYS A 140 0.21 7.19 -6.33
N ILE A 141 1.32 7.06 -5.56
CA ILE A 141 2.71 7.02 -6.06
C ILE A 141 2.86 5.87 -7.01
N VAL A 142 2.44 4.68 -6.58
CA VAL A 142 2.47 3.50 -7.49
C VAL A 142 1.82 3.78 -8.83
N ARG A 143 0.67 4.37 -8.77
CA ARG A 143 -0.13 4.68 -10.01
C ARG A 143 0.62 5.74 -10.84
N MET A 144 1.26 6.64 -10.17
CA MET A 144 1.98 7.67 -10.86
C MET A 144 3.18 7.14 -11.61
N TYR A 145 3.87 6.20 -11.00
CA TYR A 145 5.12 5.70 -11.51
C TYR A 145 4.95 4.48 -12.44
N SER A 146 3.72 4.02 -12.55
CA SER A 146 3.35 2.99 -13.56
C SER A 146 3.71 3.56 -14.93
N PRO A 147 4.59 2.92 -15.61
CA PRO A 147 5.09 3.54 -16.87
C PRO A 147 4.24 3.21 -18.12
N THR A 148 3.33 2.25 -18.04
CA THR A 148 2.65 1.73 -19.31
C THR A 148 1.14 1.55 -19.17
N SER A 149 0.36 2.04 -20.16
CA SER A 149 -1.08 1.82 -20.21
C SER A 149 -1.34 0.36 -20.55
N ILE A 150 -2.42 -0.18 -20.01
CA ILE A 150 -2.89 -1.50 -20.39
C ILE A 150 -3.19 -1.61 -21.90
N LEU A 151 -3.53 -0.47 -22.51
CA LEU A 151 -3.80 -0.49 -23.96
C LEU A 151 -2.62 -0.82 -24.77
N ASP A 152 -1.39 -0.62 -24.18
CA ASP A 152 -0.21 -0.85 -24.93
C ASP A 152 0.47 -2.18 -24.66
N ILE A 153 -0.16 -3.04 -23.82
CA ILE A 153 0.29 -4.35 -23.63
C ILE A 153 -0.36 -5.30 -24.61
N ARG A 154 0.40 -5.64 -25.65
CA ARG A 154 -0.05 -6.54 -26.72
C ARG A 154 0.94 -7.65 -26.93
N GLN A 155 0.45 -8.85 -27.21
CA GLN A 155 1.28 -10.00 -27.35
C GLN A 155 2.10 -9.93 -28.64
N GLY A 156 3.37 -10.09 -28.51
CA GLY A 156 4.23 -10.09 -29.69
C GLY A 156 4.01 -11.37 -30.46
N PRO A 157 4.34 -11.32 -31.75
CA PRO A 157 4.15 -12.51 -32.61
C PRO A 157 4.86 -13.77 -32.20
N LYS A 158 5.98 -13.74 -31.51
CA LYS A 158 6.56 -14.99 -31.03
C LYS A 158 6.66 -14.98 -29.52
N GLU A 159 5.82 -14.17 -28.86
CA GLU A 159 5.79 -14.09 -27.44
C GLU A 159 4.92 -15.17 -26.94
N PRO A 160 5.45 -15.98 -26.04
CA PRO A 160 4.65 -17.01 -25.34
C PRO A 160 3.46 -16.35 -24.68
N PHE A 161 2.32 -16.97 -24.77
CA PHE A 161 1.07 -16.37 -24.19
C PHE A 161 1.26 -16.13 -22.67
N ARG A 162 1.92 -17.01 -21.98
CA ARG A 162 2.16 -16.79 -20.53
C ARG A 162 2.95 -15.57 -20.22
N ASP A 163 3.95 -15.25 -21.05
CA ASP A 163 4.76 -14.06 -20.81
C ASP A 163 3.99 -12.80 -21.09
N TYR A 164 3.09 -12.86 -22.07
CA TYR A 164 2.16 -11.75 -22.34
C TYR A 164 1.14 -11.52 -21.20
N VAL A 165 0.60 -12.62 -20.69
CA VAL A 165 -0.35 -12.52 -19.60
C VAL A 165 0.33 -11.95 -18.36
N ASP A 166 1.56 -12.34 -18.09
CA ASP A 166 2.31 -11.77 -16.99
C ASP A 166 2.45 -10.27 -17.16
N ARG A 167 2.81 -9.81 -18.38
CA ARG A 167 3.00 -8.35 -18.61
C ARG A 167 1.65 -7.67 -18.39
N PHE A 168 0.58 -8.28 -18.90
CA PHE A 168 -0.74 -7.70 -18.84
C PHE A 168 -1.20 -7.46 -17.37
N TYR A 169 -1.13 -8.50 -16.54
CA TYR A 169 -1.58 -8.35 -15.22
C TYR A 169 -0.61 -7.62 -14.33
N LYS A 170 0.68 -7.58 -14.68
CA LYS A 170 1.66 -6.74 -13.97
C LYS A 170 1.31 -5.26 -14.20
N THR A 171 0.94 -4.93 -15.45
CA THR A 171 0.47 -3.58 -15.82
C THR A 171 -0.82 -3.21 -15.13
N LEU A 172 -1.83 -4.05 -15.13
CA LEU A 172 -3.11 -3.80 -14.48
C LEU A 172 -2.96 -3.58 -13.00
N ARG A 173 -2.00 -4.31 -12.39
CA ARG A 173 -1.78 -4.09 -11.01
C ARG A 173 -1.21 -2.71 -10.72
N ALA A 174 -0.27 -2.21 -11.51
CA ALA A 174 0.36 -0.91 -11.23
C ALA A 174 -0.61 0.18 -11.54
N GLU A 175 -1.45 -0.07 -12.61
CA GLU A 175 -2.42 0.95 -13.05
C GLU A 175 -3.60 1.03 -12.09
N GLN A 176 -3.79 0.04 -11.28
CA GLN A 176 -4.64 -0.03 -10.08
C GLN A 176 -6.05 -0.36 -10.39
N ALA A 177 -6.20 -1.25 -11.38
CA ALA A 177 -7.53 -1.71 -11.80
C ALA A 177 -8.13 -2.45 -10.60
N SER A 178 -9.43 -2.28 -10.38
CA SER A 178 -10.20 -3.08 -9.41
C SER A 178 -10.19 -4.59 -9.77
N GLN A 179 -10.49 -5.44 -8.79
CA GLN A 179 -10.59 -6.90 -9.04
C GLN A 179 -11.69 -7.25 -10.07
N GLU A 180 -12.77 -6.49 -10.06
CA GLU A 180 -13.85 -6.62 -11.05
C GLU A 180 -13.28 -6.68 -12.49
N VAL A 181 -12.47 -5.65 -12.76
CA VAL A 181 -11.82 -5.39 -14.05
C VAL A 181 -10.75 -6.48 -14.34
N LYS A 182 -9.90 -6.72 -13.37
CA LYS A 182 -8.97 -7.89 -13.49
C LYS A 182 -9.67 -9.27 -13.83
N ASN A 183 -10.70 -9.62 -13.05
CA ASN A 183 -11.63 -10.76 -13.32
C ASN A 183 -12.23 -10.73 -14.75
N ALA A 184 -12.77 -9.54 -15.10
CA ALA A 184 -13.43 -9.19 -16.39
C ALA A 184 -12.57 -9.08 -17.65
N ALA A 185 -11.33 -8.61 -17.48
CA ALA A 185 -10.46 -8.25 -18.64
C ALA A 185 -10.13 -9.47 -19.52
N THR A 186 -10.40 -10.64 -18.96
CA THR A 186 -10.13 -11.97 -19.47
C THR A 186 -11.10 -12.36 -20.59
N GLU A 187 -12.36 -11.96 -20.46
CA GLU A 187 -13.30 -12.11 -21.59
C GLU A 187 -13.04 -11.05 -22.70
N THR A 188 -12.26 -9.99 -22.41
CA THR A 188 -12.13 -8.86 -23.33
C THR A 188 -10.77 -8.38 -23.79
N LEU A 189 -10.18 -7.42 -23.07
CA LEU A 189 -8.99 -6.80 -23.55
C LEU A 189 -7.82 -7.84 -23.67
N LEU A 190 -7.76 -8.81 -22.76
CA LEU A 190 -6.71 -9.82 -22.86
C LEU A 190 -6.72 -10.54 -24.18
N VAL A 191 -7.92 -10.85 -24.70
CA VAL A 191 -8.08 -11.52 -26.00
C VAL A 191 -7.82 -10.55 -27.11
N GLN A 192 -8.36 -9.32 -27.03
CA GLN A 192 -8.10 -8.36 -28.02
C GLN A 192 -6.64 -8.05 -28.32
N ASN A 193 -5.84 -7.99 -27.25
CA ASN A 193 -4.46 -7.69 -27.30
C ASN A 193 -3.52 -8.87 -27.54
N ALA A 194 -4.08 -10.09 -27.71
CA ALA A 194 -3.39 -11.23 -28.02
C ALA A 194 -2.98 -11.25 -29.50
N ASN A 195 -1.98 -12.03 -29.82
CA ASN A 195 -1.49 -12.03 -31.22
C ASN A 195 -2.56 -12.79 -32.09
N PRO A 196 -2.45 -12.67 -33.45
CA PRO A 196 -3.51 -13.27 -34.30
C PRO A 196 -3.74 -14.75 -34.08
N ASP A 197 -2.68 -15.52 -33.93
CA ASP A 197 -2.80 -16.96 -33.74
C ASP A 197 -3.53 -17.35 -32.42
N CYS A 198 -3.09 -16.77 -31.31
CA CYS A 198 -3.74 -17.06 -30.07
CA CYS A 198 -3.74 -16.98 -30.03
C CYS A 198 -5.16 -16.47 -30.03
N LYS A 199 -5.36 -15.31 -30.67
CA LYS A 199 -6.65 -14.65 -30.69
C LYS A 199 -7.71 -15.57 -31.32
N THR A 200 -7.34 -16.18 -32.43
CA THR A 200 -8.23 -17.17 -33.04
C THR A 200 -8.60 -18.33 -32.16
N ILE A 201 -7.61 -18.88 -31.47
CA ILE A 201 -7.83 -19.96 -30.56
C ILE A 201 -8.71 -19.53 -29.41
N LEU A 202 -8.51 -18.36 -28.87
CA LEU A 202 -9.29 -17.90 -27.71
C LEU A 202 -10.75 -17.55 -28.14
N LYS A 203 -10.91 -16.93 -29.30
CA LYS A 203 -12.24 -16.59 -29.80
C LYS A 203 -13.09 -17.86 -29.88
N ALA A 204 -12.48 -18.94 -30.36
CA ALA A 204 -13.14 -20.23 -30.49
C ALA A 204 -13.44 -20.97 -29.18
N LEU A 205 -12.88 -20.53 -28.06
CA LEU A 205 -13.11 -21.22 -26.80
C LEU A 205 -14.52 -21.02 -26.30
N GLY A 206 -15.10 -19.88 -26.67
CA GLY A 206 -16.40 -19.47 -26.16
C GLY A 206 -16.23 -18.50 -25.01
N PRO A 207 -17.34 -17.84 -24.60
CA PRO A 207 -17.27 -16.98 -23.41
C PRO A 207 -17.18 -17.86 -22.13
N GLY A 208 -16.84 -17.24 -21.01
CA GLY A 208 -16.73 -17.94 -19.73
C GLY A 208 -15.58 -18.91 -19.53
N ALA A 209 -14.58 -18.87 -20.43
CA ALA A 209 -13.29 -19.55 -20.24
C ALA A 209 -12.53 -18.96 -19.04
N THR A 210 -11.99 -19.81 -18.21
CA THR A 210 -11.13 -19.39 -17.14
C THR A 210 -9.79 -18.97 -17.75
N LEU A 211 -9.01 -18.27 -16.93
CA LEU A 211 -7.65 -17.89 -17.41
C LEU A 211 -6.83 -19.12 -17.60
N GLU A 212 -6.97 -20.12 -16.71
CA GLU A 212 -6.28 -21.39 -16.81
C GLU A 212 -6.54 -22.06 -18.17
N GLU A 213 -7.78 -21.96 -18.61
CA GLU A 213 -8.21 -22.64 -19.82
C GLU A 213 -7.66 -21.88 -21.00
N MET A 214 -7.62 -20.55 -20.91
CA MET A 214 -7.05 -19.73 -21.96
C MET A 214 -5.57 -19.97 -22.09
N MET A 215 -4.89 -20.04 -20.95
CA MET A 215 -3.48 -20.34 -20.94
C MET A 215 -3.10 -21.68 -21.51
N THR A 216 -3.88 -22.69 -21.17
CA THR A 216 -3.71 -24.02 -21.78
C THR A 216 -3.96 -24.03 -23.25
N ALA A 217 -5.00 -23.35 -23.68
CA ALA A 217 -5.33 -23.26 -25.08
C ALA A 217 -4.29 -22.62 -25.95
N CYS A 218 -3.56 -21.64 -25.42
CA CYS A 218 -2.54 -20.97 -26.21
C CYS A 218 -1.10 -21.48 -25.86
N GLN A 219 -1.01 -22.60 -25.19
CA GLN A 219 0.31 -23.15 -24.80
C GLN A 219 1.00 -23.69 -26.04
#